data_6K0E
#
_entry.id   6K0E
#
_cell.length_a   73.805
_cell.length_b   119.638
_cell.length_c   67.198
_cell.angle_alpha   90.000
_cell.angle_beta   90.000
_cell.angle_gamma   90.000
#
_symmetry.space_group_name_H-M   'C 2 2 21'
#
loop_
_entity.id
_entity.type
_entity.pdbx_description
1 polymer 'Iron/alpha-ketoglutarate-dependent dioxygenase asqJ'
2 non-polymer 'FE (III) ION'
3 non-polymer '2-OXOGLUTARIC ACID'
4 non-polymer (3~{Z})-4-methyl-3-(phenylmethylidene)-1~{H}-1,4-benzodiazepine-2,5-dione
5 non-polymer 'HYDROGEN PEROXIDE'
6 water water
#
_entity_poly.entity_id   1
_entity_poly.type   'polypeptide(L)'
_entity_poly.pdbx_seq_one_letter_code
;MGSSHHHHHHSGLVPRGSHMTSKDHVKSQIPRLSAINDLHKIWPTVEEHGAAIIESFLSLDIVRRLNEEVDPFVKIEPIP
AAKTKDHPNHVLSTTTRLVNVLAPISKAYREDVLNSKVLHRICSDAFHVYGDYWVLMGAVMELAPSNPAQPLHRDMRFSH
PIVEYLKPDAPATSINFLVALSPFTAENGATHVILGSHKWQNLSNVSMDATVRALMNPGDALLITDSTIHCGGAETTGTE
TRRLLTITMGISQLTPLESNLAVPRPVIESLTPLAQRLLGWASQRSAAPRDIGLLTIRGNSIEKTMNLKAEQPLHDDEAE
PLCRETI
;
_entity_poly.pdbx_strand_id   B
#
loop_
_chem_comp.id
_chem_comp.type
_chem_comp.name
_chem_comp.formula
AKG non-polymer '2-OXOGLUTARIC ACID' 'C5 H6 O5'
CO0 non-polymer (3~{Z})-4-methyl-3-(phenylmethylidene)-1~{H}-1,4-benzodiazepine-2,5-dione 'C17 H14 N2 O2'
FE non-polymer 'FE (III) ION' 'Fe 3'
PEO non-polymer 'HYDROGEN PEROXIDE' 'H2 O2'
#
# COMPACT_ATOMS: atom_id res chain seq x y z
N SER A 28 8.65 18.02 -15.77
CA SER A 28 9.46 17.28 -14.80
C SER A 28 8.75 15.98 -14.46
N GLN A 29 9.32 14.86 -14.89
CA GLN A 29 8.69 13.56 -14.74
C GLN A 29 9.04 12.78 -13.48
N ILE A 30 8.29 11.72 -13.22
CA ILE A 30 8.53 10.95 -12.04
C ILE A 30 9.83 10.18 -12.17
N PRO A 31 10.69 10.27 -11.17
CA PRO A 31 11.96 9.55 -11.22
C PRO A 31 11.76 8.05 -11.28
N ARG A 32 12.54 7.39 -12.10
CA ARG A 32 12.44 5.97 -12.24
C ARG A 32 13.69 5.35 -11.74
N LEU A 33 13.55 4.30 -10.95
CA LEU A 33 14.67 3.63 -10.33
C LEU A 33 14.58 2.13 -10.43
N SER A 34 15.72 1.47 -10.42
CA SER A 34 15.75 0.04 -10.47
C SER A 34 15.65 -0.53 -9.07
N ALA A 35 14.87 -1.58 -8.94
CA ALA A 35 14.70 -2.24 -7.69
C ALA A 35 15.99 -2.86 -7.22
N ILE A 36 16.74 -3.47 -8.13
CA ILE A 36 18.04 -4.10 -7.80
C ILE A 36 19.17 -3.14 -7.62
N ASN A 37 19.56 -2.52 -8.70
CA ASN A 37 20.66 -1.58 -8.71
C ASN A 37 20.56 -0.23 -8.02
N ASP A 38 19.36 0.28 -7.78
CA ASP A 38 19.25 1.61 -7.17
C ASP A 38 18.54 1.61 -5.79
N LEU A 39 18.52 0.46 -5.16
CA LEU A 39 17.82 0.28 -3.91
C LEU A 39 17.96 1.36 -2.85
N HIS A 40 19.18 1.73 -2.52
CA HIS A 40 19.40 2.73 -1.51
C HIS A 40 18.97 4.13 -1.91
N LYS A 41 18.66 4.31 -3.17
CA LYS A 41 18.24 5.61 -3.63
C LYS A 41 16.75 5.81 -3.62
N ILE A 42 16.01 4.73 -3.46
CA ILE A 42 14.56 4.85 -3.52
C ILE A 42 13.91 5.73 -2.50
N TRP A 43 14.12 5.48 -1.22
CA TRP A 43 13.50 6.31 -0.21
C TRP A 43 13.97 7.76 -0.31
N PRO A 44 15.27 7.99 -0.39
CA PRO A 44 15.71 9.38 -0.58
C PRO A 44 15.03 10.07 -1.75
N THR A 45 14.77 9.35 -2.85
CA THR A 45 14.11 9.97 -4.00
C THR A 45 12.66 10.35 -3.66
N VAL A 46 11.94 9.46 -2.97
CA VAL A 46 10.56 9.78 -2.59
C VAL A 46 10.53 10.88 -1.54
N GLU A 47 11.44 10.81 -0.56
CA GLU A 47 11.43 11.84 0.46
C GLU A 47 11.64 13.21 -0.16
N GLU A 48 12.40 13.27 -1.26
CA GLU A 48 12.67 14.57 -1.88
C GLU A 48 11.54 15.00 -2.80
N HIS A 49 11.12 14.12 -3.70
CA HIS A 49 10.20 14.49 -4.78
C HIS A 49 8.75 14.11 -4.52
N GLY A 50 8.49 13.26 -3.52
CA GLY A 50 7.15 12.81 -3.20
C GLY A 50 6.68 11.60 -3.97
N ALA A 51 7.44 11.12 -4.94
CA ALA A 51 7.05 9.96 -5.73
C ALA A 51 8.28 9.43 -6.44
N ALA A 52 8.25 8.13 -6.74
CA ALA A 52 9.27 7.48 -7.56
C ALA A 52 8.63 6.22 -8.13
N ILE A 53 9.12 5.78 -9.27
CA ILE A 53 8.69 4.55 -9.89
C ILE A 53 9.77 3.49 -9.72
N ILE A 54 9.42 2.38 -9.13
CA ILE A 54 10.35 1.27 -8.90
C ILE A 54 10.13 0.26 -10.02
N GLU A 55 11.05 0.22 -10.97
CA GLU A 55 10.92 -0.69 -12.06
C GLU A 55 11.22 -2.09 -11.60
N SER A 56 10.36 -3.01 -11.98
CA SER A 56 10.41 -4.41 -11.60
C SER A 56 10.34 -4.72 -10.11
N PHE A 57 9.45 -4.03 -9.42
CA PHE A 57 9.25 -4.20 -8.01
C PHE A 57 8.85 -5.64 -7.74
N LEU A 58 7.86 -6.13 -8.47
CA LEU A 58 7.49 -7.54 -8.43
C LEU A 58 7.79 -8.17 -9.79
N SER A 59 8.34 -9.39 -9.78
CA SER A 59 8.61 -10.10 -11.01
C SER A 59 7.29 -10.39 -11.73
N LEU A 60 7.39 -10.65 -13.04
CA LEU A 60 6.18 -10.96 -13.79
C LEU A 60 5.52 -12.24 -13.28
N ASP A 61 6.30 -13.17 -12.75
CA ASP A 61 5.70 -14.41 -12.27
C ASP A 61 4.86 -14.15 -11.00
N ILE A 62 5.38 -13.33 -10.09
CA ILE A 62 4.58 -12.99 -8.91
C ILE A 62 3.31 -12.26 -9.31
N VAL A 63 3.41 -11.37 -10.31
CA VAL A 63 2.24 -10.67 -10.82
C VAL A 63 1.22 -11.65 -11.38
N ARG A 64 1.72 -12.63 -12.10
CA ARG A 64 0.83 -13.62 -12.65
C ARG A 64 0.09 -14.38 -11.60
N ARG A 65 0.81 -14.91 -10.62
CA ARG A 65 0.17 -15.68 -9.58
C ARG A 65 -0.80 -14.88 -8.71
N LEU A 66 -0.48 -13.62 -8.45
CA LEU A 66 -1.35 -12.78 -7.67
C LEU A 66 -2.62 -12.61 -8.42
N ASN A 67 -2.53 -12.25 -9.70
CA ASN A 67 -3.71 -12.04 -10.53
C ASN A 67 -4.61 -13.26 -10.53
N GLU A 68 -4.04 -14.45 -10.76
CA GLU A 68 -4.84 -15.67 -10.80
C GLU A 68 -5.51 -15.92 -9.45
N GLU A 69 -4.81 -15.63 -8.35
CA GLU A 69 -5.32 -15.98 -7.03
C GLU A 69 -6.43 -15.03 -6.61
N VAL A 70 -6.32 -13.74 -6.96
CA VAL A 70 -7.35 -12.78 -6.57
C VAL A 70 -8.50 -12.66 -7.57
N ASP A 71 -8.31 -13.11 -8.83
CA ASP A 71 -9.30 -12.97 -9.91
C ASP A 71 -10.73 -13.19 -9.45
N PRO A 72 -11.06 -14.36 -8.88
CA PRO A 72 -12.46 -14.61 -8.55
C PRO A 72 -12.98 -13.70 -7.45
N PHE A 73 -12.12 -13.33 -6.50
CA PHE A 73 -12.57 -12.43 -5.44
C PHE A 73 -12.84 -11.03 -5.95
N VAL A 74 -12.17 -10.65 -7.02
CA VAL A 74 -12.44 -9.38 -7.61
C VAL A 74 -13.80 -9.42 -8.30
N LYS A 75 -14.06 -10.50 -9.01
CA LYS A 75 -15.32 -10.61 -9.71
C LYS A 75 -16.56 -10.59 -8.83
N ILE A 76 -16.49 -11.16 -7.64
CA ILE A 76 -17.66 -11.19 -6.78
C ILE A 76 -17.79 -10.01 -5.86
N GLU A 77 -16.81 -9.13 -5.88
CA GLU A 77 -16.84 -7.97 -5.02
C GLU A 77 -17.89 -6.99 -5.49
N PRO A 78 -18.77 -6.54 -4.61
CA PRO A 78 -19.79 -5.57 -5.01
C PRO A 78 -19.24 -4.14 -4.97
N ILE A 79 -20.13 -3.18 -5.26
CA ILE A 79 -19.70 -1.79 -5.33
C ILE A 79 -19.17 -1.36 -3.97
N PRO A 80 -18.26 -0.40 -3.95
CA PRO A 80 -17.63 -0.01 -2.67
C PRO A 80 -18.65 0.31 -1.56
N ALA A 81 -19.76 0.95 -1.89
CA ALA A 81 -20.79 1.32 -0.91
C ALA A 81 -22.00 0.40 -0.97
N ALA A 82 -21.80 -0.86 -1.24
CA ALA A 82 -22.88 -1.82 -1.26
C ALA A 82 -23.71 -1.75 0.00
N LYS A 83 -25.02 -1.88 -0.16
CA LYS A 83 -25.93 -1.82 0.95
C LYS A 83 -25.79 -2.97 1.91
N THR A 84 -25.07 -3.97 1.49
CA THR A 84 -24.86 -5.15 2.31
C THR A 84 -23.64 -5.04 3.22
N LYS A 85 -22.86 -3.98 3.12
CA LYS A 85 -21.66 -3.79 3.93
C LYS A 85 -21.99 -2.94 5.14
N ASP A 86 -21.38 -3.23 6.28
CA ASP A 86 -21.61 -2.34 7.41
C ASP A 86 -20.49 -1.34 7.60
N HIS A 87 -19.43 -1.40 6.79
CA HIS A 87 -18.46 -0.30 6.61
C HIS A 87 -18.34 0.04 5.14
N PRO A 88 -19.40 0.56 4.53
CA PRO A 88 -19.34 0.92 3.11
C PRO A 88 -18.30 2.00 2.86
N ASN A 89 -17.76 2.00 1.65
CA ASN A 89 -16.79 3.00 1.22
C ASN A 89 -17.52 3.94 0.26
N HIS A 90 -17.89 5.12 0.76
CA HIS A 90 -18.67 6.06 -0.02
C HIS A 90 -17.82 6.95 -0.91
N VAL A 91 -16.50 6.78 -0.87
CA VAL A 91 -15.60 7.67 -1.58
C VAL A 91 -15.23 7.12 -2.95
N LEU A 92 -15.00 5.82 -3.05
CA LEU A 92 -14.59 5.23 -4.32
C LEU A 92 -15.76 5.19 -5.31
N SER A 93 -15.43 5.29 -6.59
CA SER A 93 -16.46 5.27 -7.63
C SER A 93 -17.12 3.88 -7.72
N THR A 94 -18.35 3.87 -8.23
CA THR A 94 -19.06 2.62 -8.39
C THR A 94 -18.46 1.70 -9.45
N THR A 95 -17.52 2.20 -10.26
CA THR A 95 -16.79 1.37 -11.20
C THR A 95 -15.41 0.97 -10.69
N THR A 96 -15.22 1.03 -9.37
CA THR A 96 -14.03 0.56 -8.72
C THR A 96 -14.39 -0.68 -7.90
N ARG A 97 -13.54 -1.69 -7.91
CA ARG A 97 -13.68 -2.85 -7.05
C ARG A 97 -12.39 -2.92 -6.21
N LEU A 98 -12.52 -3.04 -4.90
CA LEU A 98 -11.39 -3.12 -4.02
C LEU A 98 -11.50 -4.34 -3.13
N VAL A 99 -10.47 -5.16 -3.11
CA VAL A 99 -10.45 -6.38 -2.30
C VAL A 99 -9.23 -6.29 -1.38
N ASN A 100 -9.45 -6.21 -0.06
CA ASN A 100 -8.34 -6.20 0.87
C ASN A 100 -8.30 -7.51 1.67
N VAL A 101 -7.46 -7.55 2.71
CA VAL A 101 -7.21 -8.77 3.49
C VAL A 101 -6.85 -9.89 2.52
N LEU A 102 -5.71 -9.74 1.84
CA LEU A 102 -5.32 -10.65 0.78
C LEU A 102 -4.62 -11.89 1.28
N ALA A 103 -4.11 -11.90 2.52
CA ALA A 103 -3.33 -13.04 2.97
C ALA A 103 -4.09 -14.36 2.85
N PRO A 104 -5.33 -14.44 3.24
CA PRO A 104 -6.06 -15.69 3.11
C PRO A 104 -6.38 -16.11 1.69
N ILE A 105 -6.30 -15.20 0.76
CA ILE A 105 -6.62 -15.44 -0.63
C ILE A 105 -5.44 -15.76 -1.46
N SER A 106 -4.30 -15.19 -1.14
CA SER A 106 -3.17 -15.30 -2.01
C SER A 106 -1.84 -15.73 -1.45
N LYS A 107 -1.30 -16.82 -1.96
CA LYS A 107 -0.01 -17.29 -1.55
C LYS A 107 1.10 -16.38 -2.00
N ALA A 108 1.03 -15.88 -3.22
CA ALA A 108 2.04 -14.95 -3.69
C ALA A 108 2.10 -13.71 -2.81
N TYR A 109 0.94 -13.23 -2.37
CA TYR A 109 0.93 -12.05 -1.52
C TYR A 109 1.59 -12.34 -0.18
N ARG A 110 1.11 -13.37 0.51
CA ARG A 110 1.54 -13.56 1.89
C ARG A 110 2.95 -14.12 1.99
N GLU A 111 3.47 -14.69 0.92
CA GLU A 111 4.83 -15.18 0.90
C GLU A 111 5.79 -14.22 0.20
N ASP A 112 5.62 -14.02 -1.08
CA ASP A 112 6.52 -13.17 -1.83
C ASP A 112 6.40 -11.69 -1.55
N VAL A 113 5.20 -11.12 -1.56
CA VAL A 113 5.05 -9.69 -1.33
C VAL A 113 5.36 -9.26 0.08
N LEU A 114 4.82 -9.96 1.06
CA LEU A 114 5.07 -9.61 2.45
C LEU A 114 6.55 -9.73 2.90
N ASN A 115 7.33 -10.56 2.23
CA ASN A 115 8.71 -10.71 2.50
C ASN A 115 9.62 -10.01 1.47
N SER A 116 9.08 -9.12 0.67
CA SER A 116 9.88 -8.42 -0.32
C SER A 116 11.07 -7.67 0.27
N LYS A 117 12.27 -8.03 -0.16
CA LYS A 117 13.45 -7.37 0.34
C LYS A 117 13.45 -5.93 -0.04
N VAL A 118 13.00 -5.61 -1.21
CA VAL A 118 12.94 -4.24 -1.61
C VAL A 118 11.97 -3.44 -0.73
N LEU A 119 10.80 -3.97 -0.52
CA LEU A 119 9.82 -3.31 0.32
C LEU A 119 10.35 -3.03 1.71
N HIS A 120 10.98 -4.02 2.31
CA HIS A 120 11.49 -3.85 3.65
C HIS A 120 12.63 -2.89 3.78
N ARG A 121 13.50 -2.83 2.79
CA ARG A 121 14.56 -1.87 2.87
C ARG A 121 14.00 -0.45 2.78
N ILE A 122 13.09 -0.24 1.84
CA ILE A 122 12.46 1.07 1.72
C ILE A 122 11.75 1.43 3.01
N CYS A 123 10.98 0.49 3.58
CA CYS A 123 10.22 0.83 4.78
C CYS A 123 11.13 1.09 5.98
N SER A 124 12.18 0.29 6.15
CA SER A 124 13.08 0.56 7.26
C SER A 124 13.82 1.87 7.04
N ASP A 125 14.12 2.23 5.79
CA ASP A 125 14.67 3.56 5.51
C ASP A 125 13.68 4.64 5.95
N ALA A 126 12.40 4.49 5.57
CA ALA A 126 11.41 5.56 5.74
C ALA A 126 10.99 5.73 7.20
N PHE A 127 10.88 4.62 7.91
CA PHE A 127 10.30 4.62 9.21
C PHE A 127 11.19 4.47 10.40
N HIS A 128 12.49 4.48 10.20
CA HIS A 128 13.41 4.31 11.29
C HIS A 128 13.27 5.29 12.43
N VAL A 129 12.90 6.53 12.17
CA VAL A 129 12.74 7.49 13.19
C VAL A 129 11.60 7.09 14.13
N TYR A 130 10.60 6.35 13.64
CA TYR A 130 9.44 5.99 14.45
C TYR A 130 9.54 4.62 15.10
N GLY A 131 10.09 3.63 14.39
CA GLY A 131 10.13 2.27 14.90
C GLY A 131 9.60 1.28 13.90
N ASP A 132 9.03 0.17 14.39
CA ASP A 132 8.44 -0.84 13.51
C ASP A 132 7.33 -0.25 12.65
N TYR A 133 7.11 -0.91 11.51
CA TYR A 133 6.05 -0.60 10.57
C TYR A 133 5.31 -1.89 10.24
N TRP A 134 4.09 -1.75 9.76
CA TRP A 134 3.24 -2.84 9.36
C TRP A 134 2.33 -2.48 8.19
N VAL A 135 1.50 -3.43 7.76
CA VAL A 135 0.61 -3.18 6.63
C VAL A 135 -0.63 -2.47 7.15
N LEU A 136 -0.86 -1.23 6.70
CA LEU A 136 -2.12 -0.58 7.03
C LEU A 136 -3.22 -1.07 6.11
N MET A 137 -2.88 -1.33 4.84
CA MET A 137 -3.82 -2.01 3.97
C MET A 137 -3.09 -2.54 2.74
N GLY A 138 -3.37 -3.79 2.40
CA GLY A 138 -2.94 -4.38 1.14
C GLY A 138 -4.17 -4.78 0.37
N ALA A 139 -4.38 -4.15 -0.80
CA ALA A 139 -5.62 -4.30 -1.55
C ALA A 139 -5.36 -4.40 -3.04
N VAL A 140 -6.16 -5.20 -3.70
CA VAL A 140 -6.25 -5.16 -5.16
C VAL A 140 -7.41 -4.24 -5.53
N MET A 141 -7.16 -3.35 -6.48
CA MET A 141 -8.16 -2.46 -6.99
C MET A 141 -8.26 -2.69 -8.48
N GLU A 142 -9.47 -2.83 -8.96
CA GLU A 142 -9.73 -2.99 -10.38
C GLU A 142 -10.71 -1.96 -10.83
N LEU A 143 -10.36 -1.28 -11.91
CA LEU A 143 -11.15 -0.17 -12.42
C LEU A 143 -11.81 -0.62 -13.71
N ALA A 144 -13.12 -0.43 -13.80
CA ALA A 144 -13.84 -0.86 -15.00
C ALA A 144 -13.54 0.07 -16.17
N PRO A 145 -13.77 -0.40 -17.40
CA PRO A 145 -13.65 0.49 -18.55
C PRO A 145 -14.42 1.78 -18.32
N SER A 146 -13.82 2.90 -18.73
CA SER A 146 -14.38 4.24 -18.62
C SER A 146 -14.46 4.74 -17.18
N ASN A 147 -13.79 4.08 -16.24
CA ASN A 147 -13.68 4.62 -14.90
C ASN A 147 -13.23 6.07 -14.95
N PRO A 148 -13.92 7.00 -14.29
CA PRO A 148 -13.47 8.39 -14.31
C PRO A 148 -12.28 8.60 -13.39
N ALA A 149 -11.57 9.70 -13.65
CA ALA A 149 -10.46 10.06 -12.77
C ALA A 149 -10.96 10.33 -11.36
N GLN A 150 -10.14 9.99 -10.39
CA GLN A 150 -10.44 10.37 -9.01
C GLN A 150 -10.15 11.85 -8.81
N PRO A 151 -10.81 12.50 -7.83
CA PRO A 151 -10.34 13.83 -7.42
C PRO A 151 -8.94 13.74 -6.83
N LEU A 152 -8.16 14.81 -7.05
CA LEU A 152 -6.83 14.85 -6.46
C LEU A 152 -6.95 14.80 -4.94
N HIS A 153 -6.10 13.99 -4.32
CA HIS A 153 -6.25 13.80 -2.88
C HIS A 153 -4.93 13.39 -2.23
N ARG A 154 -4.90 13.52 -0.92
CA ARG A 154 -3.94 12.84 -0.06
C ARG A 154 -4.61 11.62 0.57
N ASP A 155 -3.84 10.57 0.81
CA ASP A 155 -4.43 9.40 1.45
C ASP A 155 -4.58 9.61 2.96
N MET A 156 -5.33 8.72 3.62
CA MET A 156 -5.44 8.58 5.06
C MET A 156 -6.49 9.52 5.68
N ARG A 157 -7.04 10.43 4.91
CA ARG A 157 -8.01 11.40 5.43
C ARG A 157 -9.44 10.90 5.75
N PHE A 158 -9.76 9.70 5.31
CA PHE A 158 -11.06 9.12 5.65
C PHE A 158 -10.92 8.02 6.70
N SER A 159 -9.73 7.85 7.27
CA SER A 159 -9.52 6.83 8.28
C SER A 159 -8.69 7.31 9.45
N HIS A 160 -7.75 8.23 9.23
CA HIS A 160 -6.83 8.67 10.28
C HIS A 160 -6.77 10.18 10.36
N PRO A 161 -7.86 10.81 10.81
CA PRO A 161 -7.82 12.27 11.08
C PRO A 161 -6.60 12.75 11.83
N ILE A 162 -6.05 11.91 12.69
CA ILE A 162 -4.88 12.31 13.46
C ILE A 162 -3.73 12.83 12.60
N VAL A 163 -3.59 12.31 11.39
CA VAL A 163 -2.51 12.67 10.51
C VAL A 163 -2.51 14.16 10.14
N GLU A 164 -3.68 14.75 10.01
CA GLU A 164 -3.77 16.15 9.69
C GLU A 164 -3.31 17.05 10.82
N TYR A 165 -3.15 16.52 12.02
CA TYR A 165 -2.68 17.30 13.16
C TYR A 165 -1.17 17.22 13.34
N LEU A 166 -0.48 16.45 12.52
CA LEU A 166 0.97 16.41 12.58
C LEU A 166 1.55 17.72 12.08
N LYS A 167 2.70 18.09 12.60
CA LYS A 167 3.43 19.25 12.13
C LYS A 167 3.77 19.01 10.66
N PRO A 168 3.79 20.06 9.88
CA PRO A 168 4.04 19.91 8.45
C PRO A 168 5.35 19.29 8.10
N ASP A 169 6.32 19.29 8.98
CA ASP A 169 7.60 18.72 8.66
C ASP A 169 7.85 17.35 9.30
N ALA A 170 6.83 16.79 9.90
CA ALA A 170 6.97 15.49 10.53
C ALA A 170 7.24 14.45 9.50
N PRO A 171 8.17 13.56 9.76
CA PRO A 171 8.42 12.49 8.80
C PRO A 171 7.14 11.72 8.48
N ALA A 172 7.01 11.31 7.22
CA ALA A 172 5.85 10.54 6.78
C ALA A 172 5.61 9.33 7.67
N THR A 173 4.35 9.15 8.11
CA THR A 173 3.96 8.00 8.94
C THR A 173 3.34 6.85 8.14
N SER A 174 3.07 7.04 6.85
CA SER A 174 2.71 5.93 5.97
C SER A 174 3.12 6.29 4.55
N ILE A 175 3.29 5.24 3.74
CA ILE A 175 3.64 5.39 2.34
C ILE A 175 2.82 4.34 1.59
N ASN A 176 2.65 4.54 0.28
CA ASN A 176 1.76 3.70 -0.51
C ASN A 176 2.50 3.22 -1.74
N PHE A 177 2.67 1.91 -1.85
CA PHE A 177 3.17 1.24 -3.06
C PHE A 177 1.97 0.94 -3.95
N LEU A 178 1.91 1.55 -5.12
CA LEU A 178 0.86 1.26 -6.05
C LEU A 178 1.51 0.43 -7.14
N VAL A 179 1.30 -0.87 -7.08
CA VAL A 179 1.88 -1.82 -7.98
C VAL A 179 0.99 -2.14 -9.15
N ALA A 180 1.52 -1.96 -10.35
CA ALA A 180 0.72 -2.26 -11.52
C ALA A 180 0.57 -3.75 -11.72
N LEU A 181 -0.65 -4.19 -11.76
CA LEU A 181 -0.91 -5.58 -12.08
C LEU A 181 -1.30 -5.77 -13.54
N SER A 182 -1.47 -4.67 -14.25
CA SER A 182 -1.65 -4.63 -15.70
C SER A 182 -1.00 -3.34 -16.15
N PRO A 183 -0.87 -3.13 -17.46
CA PRO A 183 -0.14 -1.94 -17.94
C PRO A 183 -0.85 -0.65 -17.51
N PHE A 184 -0.06 0.33 -17.07
CA PHE A 184 -0.55 1.69 -16.85
C PHE A 184 -0.16 2.56 -18.03
N THR A 185 -1.16 3.08 -18.75
CA THR A 185 -0.91 4.00 -19.85
C THR A 185 -1.67 5.28 -19.61
N ALA A 186 -1.33 6.32 -20.36
CA ALA A 186 -2.05 7.56 -20.22
C ALA A 186 -3.49 7.34 -20.61
N GLU A 187 -3.71 6.53 -21.62
CA GLU A 187 -5.01 6.24 -22.16
C GLU A 187 -5.93 5.44 -21.25
N ASN A 188 -5.35 4.56 -20.47
CA ASN A 188 -6.19 3.70 -19.62
C ASN A 188 -6.25 4.15 -18.17
N GLY A 189 -5.80 5.36 -17.85
CA GLY A 189 -6.02 5.93 -16.53
C GLY A 189 -4.87 5.84 -15.57
N ALA A 190 -3.63 5.74 -16.07
CA ALA A 190 -2.46 5.70 -15.19
C ALA A 190 -2.54 6.83 -14.17
N THR A 191 -2.10 6.53 -12.95
CA THR A 191 -2.15 7.46 -11.83
C THR A 191 -1.53 8.80 -12.19
N HIS A 192 -2.12 9.89 -11.70
CA HIS A 192 -1.43 11.18 -11.73
C HIS A 192 -0.83 11.50 -10.37
N VAL A 193 0.31 12.20 -10.38
CA VAL A 193 0.90 12.69 -9.14
C VAL A 193 1.33 14.13 -9.36
N ILE A 194 1.45 14.87 -8.28
CA ILE A 194 2.01 16.20 -8.30
C ILE A 194 3.33 16.14 -7.55
N LEU A 195 4.44 16.25 -8.27
CA LEU A 195 5.73 16.18 -7.66
C LEU A 195 5.94 17.31 -6.71
N GLY A 196 6.57 17.03 -5.57
CA GLY A 196 6.81 18.04 -4.58
C GLY A 196 5.63 18.36 -3.69
N SER A 197 4.44 17.84 -4.00
CA SER A 197 3.24 18.25 -3.30
C SER A 197 3.19 17.69 -1.88
N HIS A 198 4.03 16.72 -1.57
CA HIS A 198 4.07 16.22 -0.20
C HIS A 198 4.56 17.29 0.78
N LYS A 199 5.19 18.34 0.25
CA LYS A 199 5.63 19.45 1.07
C LYS A 199 4.72 20.68 0.99
N TRP A 200 3.63 20.64 0.25
CA TRP A 200 2.76 21.80 0.11
C TRP A 200 1.90 21.95 1.35
N GLN A 201 1.78 23.18 1.81
CA GLN A 201 0.88 23.51 2.88
C GLN A 201 -0.27 24.27 2.21
N ASN A 202 0.06 25.22 1.37
CA ASN A 202 -0.93 25.99 0.64
C ASN A 202 -1.35 25.16 -0.55
N LEU A 203 -2.63 24.85 -0.66
CA LEU A 203 -3.16 24.03 -1.74
C LEU A 203 -3.84 24.81 -2.86
N SER A 204 -3.50 26.06 -3.03
CA SER A 204 -4.17 26.80 -4.09
C SER A 204 -3.73 26.44 -5.47
N ASN A 205 -2.62 25.74 -5.61
CA ASN A 205 -2.14 25.37 -6.92
C ASN A 205 -2.51 23.99 -7.35
N VAL A 206 -3.41 23.36 -6.60
CA VAL A 206 -3.78 22.03 -6.94
C VAL A 206 -4.67 22.05 -8.14
N SER A 207 -4.24 21.36 -9.15
CA SER A 207 -4.95 21.21 -10.38
C SER A 207 -4.31 20.12 -11.19
N MET A 208 -5.09 19.55 -12.07
CA MET A 208 -4.59 18.52 -12.92
C MET A 208 -3.48 19.06 -13.80
N ASP A 209 -3.42 20.36 -13.93
CA ASP A 209 -2.38 20.94 -14.73
C ASP A 209 -1.00 20.73 -14.13
N ALA A 210 -0.96 20.49 -12.84
CA ALA A 210 0.32 20.28 -12.19
C ALA A 210 0.77 18.85 -12.11
N THR A 211 0.04 17.94 -12.71
CA THR A 211 0.37 16.53 -12.53
C THR A 211 1.26 16.00 -13.65
N VAL A 212 1.96 14.90 -13.34
CA VAL A 212 2.56 14.02 -14.33
C VAL A 212 2.02 12.59 -14.08
N ARG A 213 2.28 11.70 -15.03
CA ARG A 213 1.68 10.38 -15.05
C ARG A 213 2.68 9.31 -14.64
N ALA A 214 2.17 8.21 -14.10
CA ALA A 214 2.93 7.05 -13.75
C ALA A 214 2.71 5.96 -14.78
N LEU A 215 3.47 5.99 -15.86
CA LEU A 215 3.38 5.00 -16.92
C LEU A 215 4.17 3.84 -16.50
N MET A 216 3.53 2.69 -16.40
CA MET A 216 4.17 1.53 -15.88
C MET A 216 3.81 0.20 -16.51
N ASN A 217 4.77 -0.71 -16.52
CA ASN A 217 4.55 -2.09 -16.93
C ASN A 217 4.08 -2.88 -15.71
N PRO A 218 3.46 -4.02 -15.91
CA PRO A 218 3.06 -4.83 -14.75
C PRO A 218 4.28 -5.22 -13.94
N GLY A 219 4.15 -5.12 -12.62
CA GLY A 219 5.24 -5.35 -11.72
C GLY A 219 5.98 -4.10 -11.31
N ASP A 220 5.88 -3.03 -12.09
CA ASP A 220 6.40 -1.75 -11.65
C ASP A 220 5.53 -1.20 -10.53
N ALA A 221 6.10 -0.35 -9.69
CA ALA A 221 5.39 0.21 -8.56
C ALA A 221 5.61 1.73 -8.49
N LEU A 222 4.53 2.48 -8.31
CA LEU A 222 4.59 3.89 -7.95
C LEU A 222 4.60 4.03 -6.44
N LEU A 223 5.63 4.68 -5.90
CA LEU A 223 5.73 4.85 -4.45
C LEU A 223 5.51 6.31 -4.09
N ILE A 224 4.52 6.57 -3.23
CA ILE A 224 4.18 7.93 -2.80
C ILE A 224 4.12 7.93 -1.27
N THR A 225 4.07 9.13 -0.67
CA THR A 225 3.85 9.22 0.76
C THR A 225 2.39 9.61 1.02
N ASP A 226 2.02 9.59 2.31
CA ASP A 226 0.67 10.00 2.68
C ASP A 226 0.41 11.49 2.42
N SER A 227 1.42 12.27 2.08
CA SER A 227 1.19 13.68 1.78
C SER A 227 1.25 13.99 0.29
N THR A 228 1.61 13.00 -0.54
CA THR A 228 1.68 13.23 -1.98
C THR A 228 0.27 13.35 -2.56
N ILE A 229 0.02 14.43 -3.29
CA ILE A 229 -1.27 14.67 -3.92
C ILE A 229 -1.31 13.88 -5.23
N HIS A 230 -2.35 13.06 -5.40
CA HIS A 230 -2.39 12.13 -6.53
C HIS A 230 -3.83 11.80 -6.83
N CYS A 231 -4.05 11.13 -7.96
CA CYS A 231 -5.37 10.58 -8.23
C CYS A 231 -5.25 9.52 -9.30
N GLY A 232 -6.10 8.50 -9.22
CA GLY A 232 -6.33 7.65 -10.39
C GLY A 232 -6.73 8.47 -11.60
N GLY A 233 -6.27 8.03 -12.78
CA GLY A 233 -6.59 8.71 -14.02
C GLY A 233 -7.88 8.21 -14.68
N ALA A 234 -8.32 8.96 -15.69
CA ALA A 234 -9.53 8.64 -16.41
C ALA A 234 -9.26 7.55 -17.45
N GLU A 235 -10.07 6.50 -17.42
CA GLU A 235 -9.95 5.44 -18.41
C GLU A 235 -10.65 5.91 -19.68
N THR A 236 -9.88 6.17 -20.75
CA THR A 236 -10.44 6.77 -21.97
C THR A 236 -10.61 5.80 -23.13
N THR A 237 -10.09 4.57 -23.05
CA THR A 237 -10.25 3.65 -24.18
C THR A 237 -11.64 3.06 -24.24
N GLY A 238 -12.35 3.01 -23.12
CA GLY A 238 -13.65 2.36 -23.07
C GLY A 238 -13.60 0.85 -23.12
N THR A 239 -12.41 0.24 -23.16
CA THR A 239 -12.29 -1.21 -23.27
C THR A 239 -11.33 -1.83 -22.27
N GLU A 240 -10.36 -1.08 -21.74
CA GLU A 240 -9.33 -1.71 -20.91
C GLU A 240 -9.74 -1.72 -19.45
N THR A 241 -9.41 -2.82 -18.77
CA THR A 241 -9.65 -2.97 -17.34
C THR A 241 -8.29 -2.93 -16.63
N ARG A 242 -8.03 -1.83 -15.90
CA ARG A 242 -6.76 -1.62 -15.22
C ARG A 242 -6.84 -2.18 -13.79
N ARG A 243 -5.74 -2.79 -13.34
CA ARG A 243 -5.71 -3.41 -12.02
C ARG A 243 -4.40 -3.10 -11.31
N LEU A 244 -4.46 -2.92 -10.00
CA LEU A 244 -3.25 -2.59 -9.25
C LEU A 244 -3.32 -3.24 -7.88
N LEU A 245 -2.14 -3.39 -7.28
CA LEU A 245 -2.02 -3.81 -5.89
C LEU A 245 -1.52 -2.60 -5.11
N THR A 246 -2.36 -2.06 -4.20
CA THR A 246 -1.96 -0.95 -3.36
C THR A 246 -1.57 -1.48 -1.98
N ILE A 247 -0.34 -1.20 -1.56
CA ILE A 247 0.17 -1.66 -0.27
C ILE A 247 0.50 -0.40 0.52
N THR A 248 -0.36 -0.05 1.47
CA THR A 248 -0.06 1.08 2.36
C THR A 248 0.70 0.54 3.54
N MET A 249 1.94 1.00 3.70
CA MET A 249 2.79 0.61 4.80
C MET A 249 2.86 1.78 5.77
N GLY A 250 2.74 1.50 7.07
CA GLY A 250 2.71 2.61 8.01
C GLY A 250 3.33 2.19 9.33
N ILE A 251 3.66 3.19 10.14
CA ILE A 251 4.28 2.88 11.42
C ILE A 251 3.31 2.07 12.27
N SER A 252 3.85 1.17 13.08
CA SER A 252 3.04 0.30 13.89
C SER A 252 2.25 1.00 14.98
N GLN A 253 2.46 2.29 15.11
CA GLN A 253 1.78 3.11 16.05
C GLN A 253 0.40 3.50 15.53
N LEU A 254 0.16 3.34 14.22
CA LEU A 254 -1.11 3.67 13.59
C LEU A 254 -1.92 2.41 13.31
N THR A 255 -3.22 2.49 13.50
CA THR A 255 -4.08 1.32 13.35
C THR A 255 -4.34 1.03 11.88
N PRO A 256 -4.24 -0.24 11.47
CA PRO A 256 -4.52 -0.59 10.07
C PRO A 256 -5.97 -0.33 9.66
N LEU A 257 -6.16 -0.09 8.37
CA LEU A 257 -7.49 0.07 7.83
C LEU A 257 -8.22 -1.28 7.77
N GLU A 258 -7.45 -2.34 7.66
CA GLU A 258 -7.96 -3.68 7.53
C GLU A 258 -7.52 -4.57 8.69
N SER A 259 -8.29 -5.60 8.97
CA SER A 259 -7.98 -6.53 10.01
C SER A 259 -7.66 -7.94 9.50
N ASN A 260 -6.65 -8.53 10.09
CA ASN A 260 -6.32 -9.93 9.84
C ASN A 260 -6.74 -10.83 11.01
N LEU A 261 -7.61 -10.34 11.89
CA LEU A 261 -7.98 -11.12 13.05
C LEU A 261 -8.69 -12.40 12.68
N ALA A 262 -9.39 -12.40 11.55
CA ALA A 262 -10.19 -13.54 11.12
C ALA A 262 -9.45 -14.48 10.17
N VAL A 263 -8.20 -14.17 9.87
CA VAL A 263 -7.39 -15.06 9.02
C VAL A 263 -7.16 -16.37 9.76
N PRO A 264 -7.37 -17.51 9.14
CA PRO A 264 -7.17 -18.76 9.87
C PRO A 264 -5.76 -18.98 10.44
N ARG A 265 -5.68 -19.47 11.66
CA ARG A 265 -4.40 -19.71 12.31
C ARG A 265 -3.43 -20.53 11.49
N PRO A 266 -3.86 -21.59 10.82
CA PRO A 266 -2.90 -22.33 9.97
C PRO A 266 -2.25 -21.45 8.91
N VAL A 267 -2.99 -20.50 8.35
CA VAL A 267 -2.39 -19.59 7.38
C VAL A 267 -1.36 -18.70 8.06
N ILE A 268 -1.72 -18.12 9.20
CA ILE A 268 -0.77 -17.25 9.89
C ILE A 268 0.50 -18.01 10.23
N GLU A 269 0.38 -19.24 10.73
CA GLU A 269 1.56 -19.99 11.13
C GLU A 269 2.37 -20.51 9.94
N SER A 270 1.88 -20.35 8.71
CA SER A 270 2.69 -20.69 7.55
C SER A 270 3.60 -19.54 7.12
N LEU A 271 3.47 -18.36 7.74
CA LEU A 271 4.17 -17.16 7.32
C LEU A 271 5.51 -17.07 8.02
N THR A 272 6.34 -16.16 7.57
CA THR A 272 7.55 -15.86 8.27
C THR A 272 7.20 -14.97 9.50
N PRO A 273 8.04 -14.97 10.51
CA PRO A 273 7.81 -14.06 11.65
C PRO A 273 7.62 -12.61 11.21
N LEU A 274 8.38 -12.20 10.19
CA LEU A 274 8.25 -10.84 9.70
C LEU A 274 6.87 -10.59 9.12
N ALA A 275 6.38 -11.53 8.28
CA ALA A 275 5.05 -11.38 7.70
C ALA A 275 3.98 -11.42 8.79
N GLN A 276 4.16 -12.26 9.81
CA GLN A 276 3.21 -12.25 10.91
C GLN A 276 3.14 -10.88 11.56
N ARG A 277 4.28 -10.26 11.78
CA ARG A 277 4.30 -8.96 12.40
C ARG A 277 3.58 -7.94 11.53
N LEU A 278 3.81 -7.99 10.23
CA LEU A 278 3.15 -7.07 9.33
C LEU A 278 1.64 -7.19 9.34
N LEU A 279 1.13 -8.35 9.68
CA LEU A 279 -0.31 -8.55 9.68
C LEU A 279 -0.94 -8.37 11.07
N GLY A 280 -0.17 -7.87 12.03
CA GLY A 280 -0.67 -7.67 13.38
C GLY A 280 -0.72 -8.90 14.24
N TRP A 281 -0.07 -9.99 13.83
CA TRP A 281 0.02 -11.23 14.62
C TRP A 281 1.36 -11.34 15.33
N ALA A 282 1.88 -10.20 15.80
CA ALA A 282 3.06 -10.14 16.65
C ALA A 282 3.01 -8.82 17.40
N SER A 283 3.79 -8.75 18.48
CA SER A 283 3.97 -7.45 19.14
C SER A 283 4.82 -6.55 18.25
N GLN A 284 4.91 -5.29 18.63
CA GLN A 284 5.57 -4.28 17.80
C GLN A 284 6.46 -3.43 18.70
N ARG A 285 7.44 -2.74 18.10
CA ARG A 285 8.36 -1.91 18.87
C ARG A 285 8.39 -0.48 18.32
N SER A 286 8.56 0.49 19.22
CA SER A 286 8.84 1.86 18.79
C SER A 286 10.35 2.07 18.82
N ALA A 287 10.78 3.22 18.30
CA ALA A 287 12.18 3.55 18.25
C ALA A 287 12.66 4.29 19.48
N ALA A 288 11.81 4.52 20.45
CA ALA A 288 12.28 5.19 21.63
C ALA A 288 13.37 4.36 22.29
N PRO A 289 14.42 5.00 22.77
CA PRO A 289 15.53 4.29 23.40
C PRO A 289 15.15 3.23 24.47
N ARG A 290 14.20 3.54 25.32
CA ARG A 290 13.77 2.59 26.31
C ARG A 290 12.32 2.11 25.99
N ASP A 291 12.07 1.91 24.70
CA ASP A 291 10.80 1.41 24.20
C ASP A 291 10.19 0.35 25.11
N ILE A 292 8.91 0.54 25.44
CA ILE A 292 8.17 -0.47 26.21
C ILE A 292 7.23 -1.29 25.33
N GLY A 293 7.15 -0.98 24.03
CA GLY A 293 6.53 -1.85 23.06
C GLY A 293 5.04 -1.59 22.86
N LEU A 294 4.51 -2.19 21.80
CA LEU A 294 3.10 -2.10 21.44
C LEU A 294 2.53 -3.51 21.36
N LEU A 295 1.25 -3.65 21.70
CA LEU A 295 0.55 -4.94 21.67
C LEU A 295 1.32 -6.02 22.45
N THR A 296 1.77 -5.66 23.67
CA THR A 296 2.46 -6.61 24.53
C THR A 296 1.49 -7.21 25.55
N ILE A 297 1.97 -8.25 26.25
CA ILE A 297 1.14 -8.94 27.22
C ILE A 297 1.97 -9.16 28.48
N ARG A 298 1.80 -8.27 29.47
CA ARG A 298 2.48 -8.38 30.76
C ARG A 298 3.98 -8.56 30.56
N GLY A 299 4.53 -7.79 29.62
CA GLY A 299 5.96 -7.76 29.41
C GLY A 299 6.45 -8.73 28.36
N ASN A 300 5.57 -9.54 27.80
CA ASN A 300 5.94 -10.52 26.79
C ASN A 300 5.17 -10.29 25.51
N SER A 301 5.69 -10.86 24.43
CA SER A 301 5.11 -10.66 23.11
C SER A 301 3.88 -11.53 22.90
N ILE A 302 3.06 -11.11 21.94
CA ILE A 302 1.97 -11.94 21.41
C ILE A 302 2.50 -13.32 21.03
N GLU A 303 3.53 -13.33 20.18
CA GLU A 303 3.99 -14.60 19.63
C GLU A 303 4.57 -15.51 20.72
N LYS A 304 5.21 -14.92 21.72
CA LYS A 304 5.72 -15.69 22.83
C LYS A 304 4.58 -16.18 23.69
N THR A 305 3.58 -15.35 23.97
CA THR A 305 2.43 -15.72 24.78
C THR A 305 1.60 -16.82 24.13
N MET A 306 1.33 -16.68 22.85
CA MET A 306 0.50 -17.64 22.16
C MET A 306 1.27 -18.83 21.63
N ASN A 307 2.57 -18.82 21.79
CA ASN A 307 3.43 -19.87 21.26
C ASN A 307 3.16 -20.05 19.77
N LEU A 308 3.19 -18.93 19.06
CA LEU A 308 2.78 -18.90 17.66
C LEU A 308 3.88 -19.51 16.80
N LYS A 309 3.52 -20.51 16.03
CA LYS A 309 4.50 -21.11 15.16
C LYS A 309 4.73 -20.25 13.91
N ALA A 310 5.82 -20.45 13.21
CA ALA A 310 6.12 -19.73 11.99
C ALA A 310 6.68 -20.68 10.92
N GLU A 311 6.54 -20.32 9.68
CA GLU A 311 7.05 -21.10 8.59
C GLU A 311 6.63 -22.57 8.56
N GLN A 312 5.42 -22.85 8.94
CA GLN A 312 4.88 -24.17 8.88
C GLN A 312 4.01 -24.29 7.69
N PRO A 313 4.37 -25.14 6.75
CA PRO A 313 3.57 -25.33 5.55
C PRO A 313 2.19 -25.85 5.86
N LEU A 314 1.24 -25.45 5.05
CA LEU A 314 -0.13 -25.83 5.28
C LEU A 314 -0.33 -27.34 5.10
FE FE B . -4.95 7.57 -3.11
C1 AKG C . -6.79 5.59 -4.20
O1 AKG C . -6.48 6.11 -3.09
O2 AKG C . -7.83 4.87 -4.34
C2 AKG C . -5.86 5.83 -5.38
O5 AKG C . -5.09 6.72 -5.26
C3 AKG C . -5.94 4.96 -6.63
C4 AKG C . -4.96 5.47 -7.70
C5 AKG C . -5.21 4.82 -9.05
O3 AKG C . -4.25 4.68 -9.85
O4 AKG C . -6.37 4.43 -9.39
H31 AKG C . -5.71 4.05 -6.41
H32 AKG C . -6.83 4.99 -6.99
H41 AKG C . -5.06 6.44 -7.78
H42 AKG C . -4.05 5.28 -7.41
C4 CO0 D . -9.36 4.75 -0.26
C7 CO0 D . -8.70 6.80 0.01
C8 CO0 D . -8.59 8.03 -0.73
C10 CO0 D . -9.88 7.70 -2.91
C13 CO0 D . -10.57 10.38 -3.01
C15 CO0 D . -7.90 6.69 1.10
C20 CO0 D . -5.81 2.75 -1.16
O16 CO0 D . -7.60 7.62 1.73
N17 CO0 D . -7.03 5.41 1.51
C18 CO0 D . -7.06 4.29 0.09
C3 CO0 D . -8.32 4.12 -0.63
C19 CO0 D . -5.89 3.65 -0.14
C1 CO0 D . -6.97 2.50 -1.91
C2 CO0 D . -8.16 3.16 -1.63
N6 CO0 D . -9.51 6.09 -0.19
C23 CO0 D . -10.98 6.58 -0.03
O5 CO0 D . -10.31 4.02 -0.30
C9 CO0 D . -9.46 8.52 -1.92
C14 CO0 D . -9.83 9.88 -2.01
C12 CO0 D . -10.97 9.52 -4.00
C11 CO0 D . -10.64 8.20 -3.94
H1 CO0 D . -7.92 8.71 -0.55
H2 CO0 D . -9.67 6.80 -2.89
H3 CO0 D . -10.79 11.28 -3.05
H4 CO0 D . -5.02 2.31 -1.35
H8 CO0 D . -6.92 5.09 2.31
H9 CO0 D . -5.14 3.82 0.38
H10 CO0 D . -6.94 1.90 -2.62
H11 CO0 D . -8.88 2.95 -2.19
H14 CO0 D . -11.23 7.55 -0.09
H12 CO0 D . -11.29 6.28 0.84
H13 CO0 D . -11.58 6.18 -0.70
H15 CO0 D . -9.55 10.46 -1.33
H17 CO0 D . -11.74 10.00 -5.06
H16 CO0 D . -10.92 7.63 -4.62
O1 PEO E . -4.48 4.37 -3.69
O2 PEO E . -3.73 5.51 -3.08
HO1 PEO E . -5.06 4.08 -3.13
HO2 PEO E . -2.92 5.49 -3.34
#